data_4ZV2
#
_entry.id   4ZV2
#
_cell.length_a   36.200
_cell.length_b   61.300
_cell.length_c   104.570
_cell.angle_alpha   90.00
_cell.angle_beta   90.00
_cell.angle_gamma   90.00
#
_symmetry.space_group_name_H-M   'P 21 21 21'
#
loop_
_entity.id
_entity.type
_entity.pdbx_description
1 polymer AncQR
2 non-polymer GLUTAMINE
3 water water
#
_entity_poly.entity_id   1
_entity_poly.type   'polypeptide(L)'
_entity_poly.pdbx_seq_one_letter_code
;MHHHHHHMRGTLRVGTEATFPPFGFKDENGKLVGFDIDLAKAIAKKLGVKVEFKPMDFDGIIPALQSGKIDVVIAGMTIT
EERKKQVDFSDPYFEAGQAIVVKKGNDSIKSLEDLKGKKVGVQLGSTSEQHVKKVAKDAGVKVKKFDNFSEAFQELKSGR
VDAVVTDNAVALAYVKQNPNAGVKIVGETFSGEPYGIAVRKGNSELLEKINKALEEMKKDGTYDKIYEKWFGE
;
_entity_poly.pdbx_strand_id   A
#
# COMPACT_ATOMS: atom_id res chain seq x y z
N HIS A 7 -21.20 -2.12 -21.17
CA HIS A 7 -21.45 -0.69 -20.71
C HIS A 7 -20.17 -0.16 -20.03
N MET A 8 -19.88 1.14 -20.23
CA MET A 8 -18.74 1.83 -19.58
C MET A 8 -19.28 2.65 -18.44
N ARG A 9 -18.92 2.26 -17.22
CA ARG A 9 -19.34 2.92 -16.05
C ARG A 9 -18.87 4.37 -16.08
N GLY A 10 -19.71 5.31 -15.86
CA GLY A 10 -19.30 6.69 -15.72
C GLY A 10 -18.57 7.05 -14.44
N THR A 11 -18.76 6.23 -13.42
CA THR A 11 -18.17 6.33 -12.10
C THR A 11 -17.36 5.09 -11.88
N LEU A 12 -16.07 5.21 -11.59
CA LEU A 12 -15.32 4.00 -11.15
C LEU A 12 -15.06 4.09 -9.67
N ARG A 13 -15.57 3.09 -8.98
CA ARG A 13 -15.47 2.99 -7.56
C ARG A 13 -14.07 2.39 -7.30
N VAL A 14 -13.20 3.16 -6.61
CA VAL A 14 -11.77 2.79 -6.48
C VAL A 14 -11.62 2.51 -4.98
N GLY A 15 -11.30 1.24 -4.66
CA GLY A 15 -10.92 0.83 -3.28
C GLY A 15 -9.49 1.29 -3.07
N THR A 16 -9.27 2.01 -1.97
CA THR A 16 -7.98 2.65 -1.71
C THR A 16 -7.61 2.64 -0.21
N GLU A 17 -6.35 3.01 0.09
CA GLU A 17 -5.97 3.24 1.49
C GLU A 17 -6.28 4.62 1.96
N ALA A 18 -6.49 4.66 3.30
CA ALA A 18 -6.58 5.92 4.06
C ALA A 18 -5.46 6.11 5.07
N THR A 19 -4.64 5.07 5.29
CA THR A 19 -3.60 5.16 6.35
C THR A 19 -2.27 4.62 5.81
N PHE A 20 -1.99 4.86 4.53
CA PHE A 20 -0.86 4.27 3.88
C PHE A 20 -0.09 5.32 3.13
N PRO A 21 0.41 6.38 3.80
CA PRO A 21 1.23 7.42 3.15
C PRO A 21 2.52 6.80 2.62
N PRO A 22 3.01 7.24 1.44
CA PRO A 22 2.55 8.42 0.64
C PRO A 22 1.53 8.05 -0.43
N PHE A 23 1.04 6.83 -0.36
CA PHE A 23 0.06 6.27 -1.41
C PHE A 23 -1.41 6.70 -1.29
N GLY A 24 -1.88 6.63 -0.07
CA GLY A 24 -3.29 6.94 0.24
C GLY A 24 -3.44 7.31 1.71
N PHE A 25 -3.70 8.58 1.99
CA PHE A 25 -3.81 9.14 3.32
C PHE A 25 -4.62 10.42 3.26
N LYS A 26 -4.76 11.09 4.38
CA LYS A 26 -5.67 12.25 4.49
C LYS A 26 -4.87 13.55 4.70
N ASP A 27 -5.17 14.56 3.89
CA ASP A 27 -4.58 15.88 4.07
C ASP A 27 -5.19 16.53 5.31
N GLU A 28 -4.80 17.79 5.54
CA GLU A 28 -5.20 18.49 6.81
C GLU A 28 -6.65 18.91 6.80
N ASN A 29 -7.33 18.90 5.67
CA ASN A 29 -8.81 19.07 5.61
C ASN A 29 -9.55 17.78 5.45
N GLY A 30 -8.92 16.61 5.66
CA GLY A 30 -9.59 15.32 5.57
C GLY A 30 -9.81 14.75 4.22
N LYS A 31 -9.18 15.34 3.22
CA LYS A 31 -9.30 14.89 1.79
CA LYS A 31 -9.35 14.85 1.86
C LYS A 31 -8.31 13.79 1.52
N LEU A 32 -8.66 12.79 0.74
CA LEU A 32 -7.69 11.77 0.34
C LEU A 32 -6.65 12.36 -0.58
N VAL A 33 -5.40 12.04 -0.32
CA VAL A 33 -4.23 12.35 -1.09
C VAL A 33 -3.25 11.22 -1.17
N GLY A 34 -2.42 11.27 -2.15
CA GLY A 34 -1.29 10.38 -2.25
C GLY A 34 -1.05 10.02 -3.69
N PHE A 35 0.07 9.32 -3.86
CA PHE A 35 0.46 8.78 -5.13
C PHE A 35 -0.64 7.96 -5.78
N ASP A 36 -1.25 7.06 -5.03
CA ASP A 36 -2.32 6.18 -5.65
C ASP A 36 -3.61 6.98 -6.00
N ILE A 37 -3.84 8.00 -5.21
CA ILE A 37 -5.00 8.90 -5.43
C ILE A 37 -4.82 9.70 -6.71
N ASP A 38 -3.58 10.17 -6.91
CA ASP A 38 -3.24 10.93 -8.11
C ASP A 38 -3.24 10.04 -9.32
N LEU A 39 -2.72 8.80 -9.17
CA LEU A 39 -2.68 7.81 -10.25
C LEU A 39 -4.12 7.49 -10.64
N ALA A 40 -4.96 7.26 -9.72
CA ALA A 40 -6.38 6.92 -10.01
C ALA A 40 -7.04 8.05 -10.82
N LYS A 41 -6.84 9.25 -10.37
CA LYS A 41 -7.45 10.40 -11.06
C LYS A 41 -6.92 10.49 -12.48
N ALA A 42 -5.63 10.21 -12.69
CA ALA A 42 -5.01 10.29 -14.00
C ALA A 42 -5.56 9.23 -14.92
N ILE A 43 -5.69 8.01 -14.39
CA ILE A 43 -6.28 6.90 -15.16
CA ILE A 43 -6.26 6.90 -15.15
C ILE A 43 -7.73 7.20 -15.50
N ALA A 44 -8.51 7.70 -14.58
CA ALA A 44 -9.88 8.08 -14.84
C ALA A 44 -9.99 9.09 -15.93
N LYS A 45 -9.10 10.09 -15.93
CA LYS A 45 -9.11 11.13 -16.95
C LYS A 45 -8.85 10.52 -18.31
N LYS A 46 -7.84 9.65 -18.42
CA LYS A 46 -7.64 8.94 -19.70
C LYS A 46 -8.74 8.03 -20.19
N LEU A 47 -9.49 7.49 -19.25
CA LEU A 47 -10.66 6.66 -19.57
C LEU A 47 -11.92 7.52 -19.82
N GLY A 48 -11.88 8.77 -19.51
CA GLY A 48 -13.10 9.57 -19.69
C GLY A 48 -14.12 9.39 -18.62
N VAL A 49 -13.81 9.02 -17.41
CA VAL A 49 -14.77 8.75 -16.31
C VAL A 49 -14.39 9.43 -15.05
N LYS A 50 -15.29 9.39 -14.07
CA LYS A 50 -15.06 10.02 -12.77
C LYS A 50 -14.67 8.93 -11.76
N VAL A 51 -13.81 9.28 -10.80
CA VAL A 51 -13.47 8.45 -9.68
C VAL A 51 -14.38 8.66 -8.50
N GLU A 52 -14.82 7.62 -7.80
CA GLU A 52 -15.40 7.70 -6.46
C GLU A 52 -14.49 6.83 -5.59
N PHE A 53 -13.83 7.43 -4.64
CA PHE A 53 -12.95 6.64 -3.74
C PHE A 53 -13.70 5.99 -2.63
N LYS A 54 -13.36 4.72 -2.38
CA LYS A 54 -13.82 3.95 -1.25
C LYS A 54 -12.56 3.55 -0.39
N PRO A 55 -12.20 4.37 0.56
CA PRO A 55 -11.11 4.04 1.47
C PRO A 55 -11.59 2.92 2.38
N MET A 56 -10.75 1.95 2.60
CA MET A 56 -11.10 0.85 3.47
C MET A 56 -9.90 0.14 4.01
N ASP A 57 -10.12 -0.59 5.09
CA ASP A 57 -9.08 -1.44 5.69
C ASP A 57 -8.68 -2.47 4.66
N PHE A 58 -7.35 -2.71 4.53
CA PHE A 58 -6.82 -3.51 3.49
C PHE A 58 -7.31 -4.90 3.37
N ASP A 59 -7.59 -5.58 4.48
CA ASP A 59 -7.98 -7.02 4.42
C ASP A 59 -9.37 -7.18 3.81
N GLY A 60 -10.16 -6.13 3.69
CA GLY A 60 -11.50 -6.14 3.11
C GLY A 60 -11.49 -5.81 1.66
N ILE A 61 -10.34 -5.45 1.07
CA ILE A 61 -10.29 -4.99 -0.35
C ILE A 61 -10.59 -6.12 -1.33
N ILE A 62 -10.03 -7.31 -1.15
CA ILE A 62 -10.30 -8.41 -2.10
C ILE A 62 -11.80 -8.78 -2.02
N PRO A 63 -12.33 -8.98 -0.83
CA PRO A 63 -13.77 -9.17 -0.74
C PRO A 63 -14.62 -8.12 -1.34
N ALA A 64 -14.27 -6.86 -1.15
CA ALA A 64 -15.02 -5.84 -1.79
C ALA A 64 -15.04 -5.90 -3.24
N LEU A 65 -13.93 -6.20 -3.85
CA LEU A 65 -13.87 -6.25 -5.30
C LEU A 65 -14.66 -7.49 -5.80
N GLN A 66 -14.49 -8.64 -5.14
CA GLN A 66 -15.17 -9.88 -5.58
C GLN A 66 -16.68 -9.79 -5.39
N SER A 67 -17.11 -9.01 -4.44
CA SER A 67 -18.56 -8.95 -4.12
C SER A 67 -19.19 -7.78 -4.88
N GLY A 68 -18.48 -6.91 -5.64
CA GLY A 68 -19.07 -5.85 -6.47
C GLY A 68 -19.24 -4.54 -5.70
N LYS A 69 -18.62 -4.29 -4.57
CA LYS A 69 -18.63 -3.00 -3.84
C LYS A 69 -17.77 -2.03 -4.52
N ILE A 70 -16.70 -2.43 -5.18
CA ILE A 70 -15.78 -1.57 -5.92
C ILE A 70 -15.48 -2.14 -7.30
N ASP A 71 -15.00 -1.30 -8.19
CA ASP A 71 -14.69 -1.69 -9.57
C ASP A 71 -13.17 -1.96 -9.76
N VAL A 72 -12.39 -1.18 -9.01
CA VAL A 72 -10.95 -1.29 -9.18
CA VAL A 72 -10.91 -1.08 -9.22
C VAL A 72 -10.26 -1.07 -7.80
N VAL A 73 -9.05 -1.58 -7.69
CA VAL A 73 -8.20 -1.48 -6.44
C VAL A 73 -6.95 -0.68 -6.84
N ILE A 74 -6.72 0.42 -6.16
CA ILE A 74 -5.44 1.13 -6.18
C ILE A 74 -5.16 1.44 -4.76
N ALA A 75 -4.46 0.52 -4.13
CA ALA A 75 -4.25 0.50 -2.68
C ALA A 75 -2.90 -0.06 -2.24
N GLY A 76 -1.91 0.29 -2.98
CA GLY A 76 -0.54 -0.17 -2.73
C GLY A 76 -0.47 -1.72 -2.77
N MET A 77 -1.24 -2.34 -3.66
CA MET A 77 -1.43 -3.80 -3.61
CA MET A 77 -1.44 -3.80 -3.61
C MET A 77 -0.33 -4.49 -4.40
N THR A 78 0.46 -5.25 -3.70
CA THR A 78 1.42 -6.12 -4.35
C THR A 78 0.83 -7.22 -5.20
N ILE A 79 1.39 -7.38 -6.40
CA ILE A 79 1.02 -8.48 -7.29
C ILE A 79 1.74 -9.72 -6.78
N THR A 80 0.98 -10.80 -6.50
CA THR A 80 1.45 -12.10 -6.14
C THR A 80 0.75 -13.15 -6.95
N GLU A 81 1.39 -14.30 -7.08
CA GLU A 81 0.77 -15.43 -7.85
C GLU A 81 -0.52 -15.88 -7.21
N GLU A 82 -0.53 -15.92 -5.88
CA GLU A 82 -1.82 -16.28 -5.18
C GLU A 82 -2.91 -15.30 -5.39
N ARG A 83 -2.57 -14.00 -5.30
CA ARG A 83 -3.58 -13.01 -5.55
C ARG A 83 -4.15 -13.05 -6.98
N LYS A 84 -3.40 -13.50 -7.97
CA LYS A 84 -3.85 -13.59 -9.31
C LYS A 84 -4.95 -14.64 -9.47
N LYS A 85 -5.14 -15.49 -8.46
CA LYS A 85 -6.31 -16.41 -8.43
C LYS A 85 -7.56 -15.76 -7.86
N GLN A 86 -7.41 -14.52 -7.41
CA GLN A 86 -8.52 -13.85 -6.71
C GLN A 86 -8.97 -12.62 -7.50
N VAL A 87 -8.06 -11.99 -8.23
CA VAL A 87 -8.29 -10.72 -8.92
C VAL A 87 -7.45 -10.79 -10.19
N ASP A 88 -7.70 -9.85 -11.12
CA ASP A 88 -6.78 -9.64 -12.27
C ASP A 88 -6.08 -8.32 -12.01
N PHE A 89 -4.77 -8.37 -12.31
CA PHE A 89 -3.91 -7.20 -12.15
C PHE A 89 -3.44 -6.59 -13.50
N SER A 90 -3.35 -5.24 -13.44
CA SER A 90 -2.66 -4.45 -14.46
C SER A 90 -1.20 -4.80 -14.49
N ASP A 91 -0.55 -4.25 -15.51
CA ASP A 91 0.94 -4.19 -15.51
C ASP A 91 1.37 -3.38 -14.22
N PRO A 92 2.53 -3.68 -13.65
CA PRO A 92 2.97 -3.02 -12.47
C PRO A 92 3.13 -1.56 -12.67
N TYR A 93 2.77 -0.74 -11.64
CA TYR A 93 2.89 0.70 -11.68
C TYR A 93 3.91 1.29 -10.71
N PHE A 94 4.47 0.43 -9.90
CA PHE A 94 5.41 0.84 -8.89
C PHE A 94 6.14 -0.35 -8.35
N GLU A 95 7.38 -0.17 -7.92
CA GLU A 95 8.16 -1.24 -7.27
C GLU A 95 8.63 -0.80 -5.92
N ALA A 96 8.07 -1.48 -4.87
CA ALA A 96 8.41 -1.24 -3.48
C ALA A 96 9.32 -2.28 -2.90
N GLY A 97 9.86 -1.96 -1.75
CA GLY A 97 10.46 -2.86 -0.84
C GLY A 97 9.80 -2.96 0.52
N GLN A 98 10.51 -3.33 1.55
CA GLN A 98 10.10 -3.59 2.90
C GLN A 98 10.92 -2.78 3.84
N ALA A 99 10.49 -2.55 5.08
CA ALA A 99 11.29 -1.96 6.10
C ALA A 99 10.69 -2.27 7.44
N ILE A 100 11.47 -2.12 8.46
CA ILE A 100 11.05 -2.28 9.89
C ILE A 100 11.24 -0.93 10.57
N VAL A 101 10.19 -0.51 11.30
CA VAL A 101 10.28 0.71 12.14
C VAL A 101 10.38 0.31 13.65
N VAL A 102 11.40 0.86 14.30
CA VAL A 102 11.69 0.56 15.74
C VAL A 102 11.93 1.91 16.41
N LYS A 103 11.93 1.86 17.72
CA LYS A 103 12.36 3.05 18.48
C LYS A 103 13.81 3.36 18.31
N LYS A 104 14.13 4.65 18.32
CA LYS A 104 15.53 5.05 18.10
C LYS A 104 16.46 4.41 19.06
N GLY A 105 16.00 4.23 20.31
CA GLY A 105 16.77 3.51 21.32
C GLY A 105 17.21 2.08 20.96
N ASN A 106 16.56 1.44 20.01
CA ASN A 106 16.78 0.02 19.80
C ASN A 106 17.99 -0.28 18.92
N ASP A 107 18.93 -1.09 19.41
CA ASP A 107 20.00 -1.64 18.52
C ASP A 107 20.04 -3.18 18.33
N SER A 108 19.04 -3.86 18.85
CA SER A 108 18.93 -5.33 18.73
C SER A 108 18.27 -5.77 17.42
N ILE A 109 17.54 -4.85 16.76
CA ILE A 109 16.76 -5.25 15.60
C ILE A 109 17.37 -4.60 14.36
N LYS A 110 17.90 -5.44 13.49
CA LYS A 110 18.49 -4.95 12.23
C LYS A 110 17.93 -5.61 10.97
N SER A 111 17.11 -6.60 11.18
CA SER A 111 16.54 -7.43 10.14
C SER A 111 15.35 -8.23 10.68
N LEU A 112 14.64 -8.92 9.77
CA LEU A 112 13.62 -9.82 10.14
C LEU A 112 14.13 -10.93 11.08
N GLU A 113 15.34 -11.45 10.81
CA GLU A 113 15.98 -12.41 11.73
C GLU A 113 15.93 -11.96 13.17
N ASP A 114 16.18 -10.68 13.42
CA ASP A 114 16.29 -10.20 14.79
C ASP A 114 14.94 -9.98 15.51
N LEU A 115 13.83 -10.33 14.88
CA LEU A 115 12.50 -10.22 15.55
C LEU A 115 12.25 -11.38 16.54
N LYS A 116 13.21 -12.33 16.59
CA LYS A 116 13.26 -13.40 17.63
C LYS A 116 12.78 -13.01 19.01
N GLY A 117 11.63 -13.57 19.38
CA GLY A 117 11.07 -13.35 20.73
C GLY A 117 10.62 -11.90 20.99
N LYS A 118 10.40 -11.15 19.92
CA LYS A 118 9.94 -9.77 20.02
C LYS A 118 8.45 -9.68 19.60
N LYS A 119 7.83 -8.58 20.02
CA LYS A 119 6.51 -8.25 19.58
C LYS A 119 6.57 -7.35 18.32
N VAL A 120 5.88 -7.81 17.30
CA VAL A 120 5.94 -7.13 15.97
CA VAL A 120 5.95 -7.22 15.94
C VAL A 120 4.54 -6.95 15.45
N GLY A 121 4.27 -5.74 14.93
CA GLY A 121 2.96 -5.45 14.34
C GLY A 121 2.95 -5.40 12.84
N VAL A 122 1.91 -5.95 12.25
CA VAL A 122 1.73 -5.96 10.77
C VAL A 122 0.31 -5.74 10.40
N GLN A 123 0.06 -5.31 9.15
CA GLN A 123 -1.29 -5.14 8.59
C GLN A 123 -1.85 -6.51 8.26
N LEU A 124 -3.09 -6.71 8.71
CA LEU A 124 -3.83 -7.90 8.30
C LEU A 124 -3.95 -7.97 6.78
N GLY A 125 -3.68 -9.17 6.21
CA GLY A 125 -3.80 -9.37 4.83
C GLY A 125 -2.57 -8.99 3.98
N SER A 126 -1.57 -8.38 4.58
CA SER A 126 -0.40 -7.88 3.84
C SER A 126 0.63 -8.89 3.54
N THR A 127 1.45 -8.56 2.58
CA THR A 127 2.67 -9.35 2.29
C THR A 127 3.57 -9.33 3.45
N SER A 128 3.64 -8.20 4.19
CA SER A 128 4.41 -8.10 5.42
C SER A 128 4.04 -9.16 6.44
N GLU A 129 2.74 -9.35 6.61
CA GLU A 129 2.30 -10.36 7.52
C GLU A 129 2.83 -11.75 7.05
N GLN A 130 2.89 -12.00 5.78
CA GLN A 130 3.36 -13.33 5.39
CA GLN A 130 3.38 -13.29 5.26
C GLN A 130 4.88 -13.41 5.59
N HIS A 131 5.59 -12.35 5.34
CA HIS A 131 7.08 -12.33 5.48
C HIS A 131 7.43 -12.59 6.93
N VAL A 132 6.69 -12.00 7.86
CA VAL A 132 7.03 -12.10 9.31
C VAL A 132 6.61 -13.46 9.76
N LYS A 133 5.39 -13.91 9.37
CA LYS A 133 4.86 -15.28 9.74
C LYS A 133 6.07 -16.22 9.46
N LYS A 134 6.62 -16.17 8.24
CA LYS A 134 7.74 -17.07 7.88
C LYS A 134 8.88 -17.05 8.92
N VAL A 135 9.41 -15.90 9.29
CA VAL A 135 10.62 -15.85 10.16
C VAL A 135 10.34 -16.28 11.60
N ALA A 136 9.06 -16.29 11.97
CA ALA A 136 8.61 -16.54 13.34
C ALA A 136 8.44 -18.02 13.66
N ALA A 139 11.17 -19.73 15.70
CA ALA A 139 11.91 -18.66 16.38
C ALA A 139 11.06 -17.73 17.29
N GLY A 140 9.78 -18.07 17.49
CA GLY A 140 8.95 -17.52 18.60
C GLY A 140 8.65 -16.01 18.62
N VAL A 141 8.52 -15.42 17.42
CA VAL A 141 8.13 -14.02 17.27
C VAL A 141 6.68 -13.95 17.65
N LYS A 142 6.32 -12.87 18.33
CA LYS A 142 4.95 -12.63 18.77
C LYS A 142 4.34 -11.60 17.81
N VAL A 143 3.45 -12.06 16.99
CA VAL A 143 2.94 -11.19 15.94
C VAL A 143 1.63 -10.67 16.38
N LYS A 144 1.49 -9.34 16.20
CA LYS A 144 0.18 -8.69 16.42
C LYS A 144 -0.26 -8.16 15.09
N LYS A 145 -1.58 -8.22 14.87
CA LYS A 145 -2.15 -7.94 13.55
C LYS A 145 -3.16 -6.84 13.66
N PHE A 146 -3.15 -5.94 12.70
CA PHE A 146 -3.92 -4.74 12.73
C PHE A 146 -4.79 -4.51 11.53
N ASP A 147 -5.93 -3.89 11.74
CA ASP A 147 -6.83 -3.55 10.67
C ASP A 147 -6.37 -2.54 9.72
N ASN A 148 -5.57 -1.55 10.18
CA ASN A 148 -4.86 -0.62 9.32
C ASN A 148 -3.50 -0.24 9.96
N PHE A 149 -2.61 0.31 9.14
CA PHE A 149 -1.29 0.51 9.65
C PHE A 149 -1.20 1.65 10.69
N SER A 150 -2.13 2.59 10.70
CA SER A 150 -2.06 3.65 11.70
CA SER A 150 -2.12 3.65 11.69
C SER A 150 -2.26 3.00 13.06
N GLU A 151 -3.05 1.94 13.14
CA GLU A 151 -3.19 1.18 14.43
C GLU A 151 -2.02 0.47 14.86
N ALA A 152 -1.31 -0.10 13.89
CA ALA A 152 -0.03 -0.73 14.16
C ALA A 152 0.99 0.28 14.70
N PHE A 153 1.08 1.37 14.05
CA PHE A 153 2.06 2.39 14.50
C PHE A 153 1.69 2.99 15.90
N GLN A 154 0.37 3.11 16.17
CA GLN A 154 -0.09 3.45 17.53
C GLN A 154 0.54 2.57 18.60
N GLU A 155 0.53 1.29 18.31
CA GLU A 155 1.10 0.34 19.31
C GLU A 155 2.58 0.39 19.45
N LEU A 156 3.29 0.76 18.39
CA LEU A 156 4.69 1.01 18.48
C LEU A 156 4.92 2.26 19.41
N LYS A 157 4.17 3.32 19.16
CA LYS A 157 4.33 4.53 19.97
C LYS A 157 4.13 4.18 21.46
N SER A 158 3.07 3.39 21.75
CA SER A 158 2.73 3.13 23.17
C SER A 158 3.62 2.10 23.83
N GLY A 159 4.46 1.38 23.12
CA GLY A 159 5.23 0.36 23.65
C GLY A 159 4.57 -1.03 23.71
N ARG A 160 3.45 -1.22 23.05
CA ARG A 160 2.76 -2.48 22.97
C ARG A 160 3.45 -3.46 21.99
N VAL A 161 4.14 -2.95 20.99
CA VAL A 161 5.03 -3.71 20.14
C VAL A 161 6.37 -3.02 20.13
N ASP A 162 7.38 -3.82 19.79
CA ASP A 162 8.75 -3.40 19.70
C ASP A 162 9.15 -2.99 18.27
N ALA A 163 8.37 -3.43 17.28
CA ALA A 163 8.66 -3.16 15.84
C ALA A 163 7.38 -3.23 15.09
N VAL A 164 7.37 -2.57 13.92
CA VAL A 164 6.31 -2.72 12.90
C VAL A 164 6.93 -2.87 11.54
N VAL A 165 6.40 -3.75 10.70
CA VAL A 165 6.99 -4.06 9.40
C VAL A 165 5.97 -3.63 8.33
N THR A 166 6.40 -2.91 7.29
CA THR A 166 5.57 -2.48 6.18
C THR A 166 6.36 -2.19 4.96
N ASP A 167 5.76 -1.71 3.92
CA ASP A 167 6.42 -1.37 2.66
C ASP A 167 7.36 -0.16 2.93
N ASN A 168 8.53 -0.10 2.29
CA ASN A 168 9.55 0.77 2.73
C ASN A 168 9.23 2.23 2.63
N ALA A 169 8.45 2.61 1.58
CA ALA A 169 8.13 4.08 1.49
C ALA A 169 7.12 4.49 2.61
N VAL A 170 6.25 3.59 3.03
CA VAL A 170 5.26 3.84 4.09
C VAL A 170 5.99 3.90 5.43
N ALA A 171 6.97 3.01 5.60
CA ALA A 171 7.76 3.07 6.85
C ALA A 171 8.44 4.43 6.94
N LEU A 172 9.06 4.85 5.86
CA LEU A 172 9.69 6.17 5.90
CA LEU A 172 9.70 6.17 5.84
C LEU A 172 8.74 7.33 6.14
N ALA A 173 7.57 7.26 5.53
CA ALA A 173 6.53 8.26 5.72
C ALA A 173 6.07 8.39 7.18
N TYR A 174 5.90 7.24 7.81
CA TYR A 174 5.55 7.25 9.21
C TYR A 174 6.64 7.85 10.06
N VAL A 175 7.86 7.55 9.75
CA VAL A 175 8.96 8.13 10.48
C VAL A 175 9.01 9.67 10.31
N LYS A 176 8.83 10.15 9.08
CA LYS A 176 8.92 11.60 8.73
C LYS A 176 7.76 12.28 9.35
N GLN A 177 6.60 11.65 9.36
CA GLN A 177 5.40 12.26 9.91
C GLN A 177 5.39 12.30 11.46
N ASN A 178 6.31 11.64 12.16
CA ASN A 178 6.30 11.45 13.62
C ASN A 178 7.61 11.67 14.28
N PRO A 179 8.14 12.92 14.15
CA PRO A 179 9.38 13.21 14.87
C PRO A 179 9.29 13.02 16.39
N ASN A 180 8.11 13.32 16.97
CA ASN A 180 8.01 13.20 18.43
C ASN A 180 8.04 11.81 18.91
N ALA A 181 7.84 10.83 18.01
CA ALA A 181 7.84 9.44 18.46
C ALA A 181 9.21 8.82 18.69
N GLY A 182 10.26 9.46 18.11
CA GLY A 182 11.60 8.94 18.26
C GLY A 182 11.72 7.53 17.72
N VAL A 183 11.36 7.42 16.44
CA VAL A 183 11.46 6.17 15.72
C VAL A 183 12.46 6.28 14.56
N LYS A 184 12.77 5.13 14.01
CA LYS A 184 13.75 5.00 12.89
C LYS A 184 13.49 3.75 12.08
N ILE A 185 14.02 3.75 10.85
CA ILE A 185 13.91 2.65 9.94
C ILE A 185 15.16 1.74 10.01
N VAL A 186 14.93 0.45 10.01
CA VAL A 186 16.01 -0.56 9.86
C VAL A 186 15.59 -1.62 8.89
N GLY A 187 16.56 -2.40 8.41
CA GLY A 187 16.27 -3.53 7.55
C GLY A 187 15.64 -3.21 6.18
N GLU A 188 15.95 -2.01 5.70
CA GLU A 188 15.28 -1.54 4.47
C GLU A 188 15.75 -2.24 3.22
N THR A 189 14.82 -2.80 2.45
CA THR A 189 15.04 -3.24 1.10
C THR A 189 14.28 -2.40 0.11
N PHE A 190 14.66 -2.42 -1.17
CA PHE A 190 14.21 -1.42 -2.14
C PHE A 190 13.34 -1.93 -3.26
N SER A 191 13.20 -3.18 -3.39
CA SER A 191 12.43 -3.81 -4.42
C SER A 191 11.87 -5.15 -3.95
N GLY A 192 11.02 -5.78 -4.72
CA GLY A 192 10.45 -7.10 -4.38
C GLY A 192 8.94 -7.03 -4.19
N GLU A 193 8.32 -5.83 -4.15
CA GLU A 193 6.86 -5.67 -4.03
C GLU A 193 6.33 -4.83 -5.24
N PRO A 194 6.09 -5.49 -6.39
CA PRO A 194 5.46 -4.78 -7.50
C PRO A 194 4.01 -4.47 -7.23
N TYR A 195 3.62 -3.23 -7.36
CA TYR A 195 2.21 -2.86 -7.13
C TYR A 195 1.45 -2.97 -8.41
N GLY A 196 0.19 -3.40 -8.31
CA GLY A 196 -0.68 -3.38 -9.47
C GLY A 196 -2.07 -2.92 -9.23
N ILE A 197 -2.76 -2.46 -10.25
CA ILE A 197 -4.15 -2.07 -10.10
C ILE A 197 -4.96 -3.36 -10.34
N ALA A 198 -5.91 -3.68 -9.46
CA ALA A 198 -6.70 -4.93 -9.62
C ALA A 198 -8.14 -4.63 -10.04
N VAL A 199 -8.62 -5.51 -10.92
CA VAL A 199 -10.08 -5.51 -11.29
C VAL A 199 -10.59 -6.95 -11.10
N ARG A 200 -11.93 -7.06 -11.08
CA ARG A 200 -12.53 -8.34 -10.92
C ARG A 200 -11.97 -9.28 -11.95
N LYS A 201 -11.78 -10.52 -11.58
CA LYS A 201 -11.39 -11.56 -12.53
C LYS A 201 -12.36 -11.63 -13.71
N GLY A 202 -11.76 -11.59 -14.88
CA GLY A 202 -12.54 -11.61 -16.12
C GLY A 202 -13.01 -10.29 -16.65
N ASN A 203 -12.77 -9.16 -15.98
CA ASN A 203 -13.14 -7.87 -16.48
C ASN A 203 -12.02 -7.39 -17.45
N SER A 204 -11.99 -8.03 -18.59
CA SER A 204 -10.90 -7.81 -19.56
C SER A 204 -11.05 -6.47 -20.26
N GLU A 205 -12.27 -6.00 -20.44
CA GLU A 205 -12.48 -4.75 -21.13
C GLU A 205 -11.91 -3.59 -20.32
N LEU A 206 -12.22 -3.60 -19.01
CA LEU A 206 -11.72 -2.51 -18.13
C LEU A 206 -10.19 -2.66 -17.98
N LEU A 207 -9.71 -3.88 -17.82
CA LEU A 207 -8.28 -4.08 -17.67
C LEU A 207 -7.50 -3.61 -18.86
N GLU A 208 -7.99 -3.88 -20.06
CA GLU A 208 -7.29 -3.38 -21.22
C GLU A 208 -7.20 -1.87 -21.26
N LYS A 209 -8.28 -1.19 -20.89
CA LYS A 209 -8.28 0.25 -20.87
C LYS A 209 -7.33 0.81 -19.84
N ILE A 210 -7.32 0.17 -18.68
CA ILE A 210 -6.36 0.57 -17.64
C ILE A 210 -4.88 0.38 -18.03
N ASN A 211 -4.61 -0.75 -18.62
CA ASN A 211 -3.25 -1.02 -19.10
C ASN A 211 -2.84 0.08 -20.15
N LYS A 212 -3.74 0.33 -21.09
CA LYS A 212 -3.43 1.31 -22.10
C LYS A 212 -3.19 2.68 -21.51
N ALA A 213 -3.98 3.06 -20.53
CA ALA A 213 -3.82 4.33 -19.89
C ALA A 213 -2.46 4.45 -19.17
N LEU A 214 -2.11 3.41 -18.44
CA LEU A 214 -0.82 3.39 -17.76
C LEU A 214 0.35 3.50 -18.72
N GLU A 215 0.27 2.76 -19.83
CA GLU A 215 1.32 2.79 -20.88
C GLU A 215 1.43 4.27 -21.44
N GLU A 216 0.29 4.91 -21.68
CA GLU A 216 0.25 6.25 -22.22
CA GLU A 216 0.30 6.23 -22.25
C GLU A 216 0.83 7.20 -21.18
N MET A 217 0.44 7.04 -19.90
CA MET A 217 0.96 7.90 -18.85
C MET A 217 2.50 7.80 -18.72
N LYS A 218 3.06 6.66 -18.91
CA LYS A 218 4.51 6.49 -18.79
C LYS A 218 5.16 7.07 -20.01
N LYS A 219 4.47 7.17 -21.12
CA LYS A 219 5.03 7.77 -22.34
C LYS A 219 4.97 9.28 -22.39
N ASP A 220 3.92 9.86 -21.86
CA ASP A 220 3.52 11.24 -22.13
C ASP A 220 3.86 12.20 -21.04
N GLY A 221 4.59 11.71 -20.01
CA GLY A 221 4.94 12.56 -18.96
C GLY A 221 4.10 12.52 -17.67
N THR A 222 2.86 12.05 -17.78
CA THR A 222 1.91 12.14 -16.70
C THR A 222 2.37 11.32 -15.47
N TYR A 223 2.86 10.07 -15.70
CA TYR A 223 3.31 9.23 -14.65
C TYR A 223 4.52 9.88 -13.94
N ASP A 224 5.50 10.33 -14.72
CA ASP A 224 6.70 10.80 -14.15
C ASP A 224 6.44 12.06 -13.34
N LYS A 225 5.48 12.91 -13.69
CA LYS A 225 5.11 14.08 -12.89
C LYS A 225 4.54 13.62 -11.52
N ILE A 226 3.72 12.57 -11.49
CA ILE A 226 3.19 12.07 -10.19
C ILE A 226 4.31 11.52 -9.37
N TYR A 227 5.23 10.76 -9.98
CA TYR A 227 6.34 10.16 -9.24
C TYR A 227 7.17 11.25 -8.65
N GLU A 228 7.49 12.25 -9.42
CA GLU A 228 8.34 13.31 -8.87
C GLU A 228 7.67 14.10 -7.75
N LYS A 229 6.35 14.31 -7.88
CA LYS A 229 5.62 15.02 -6.86
C LYS A 229 5.76 14.35 -5.47
N TRP A 230 5.71 13.04 -5.45
CA TRP A 230 5.76 12.25 -4.22
C TRP A 230 7.14 11.79 -3.75
N PHE A 231 8.07 11.68 -4.66
CA PHE A 231 9.39 11.11 -4.35
C PHE A 231 10.60 11.93 -4.80
N GLY A 232 10.44 12.91 -5.62
CA GLY A 232 11.58 13.67 -6.17
C GLY A 232 12.17 13.13 -7.42
N GLU A 233 13.16 13.88 -7.92
CA GLU A 233 13.85 13.61 -9.22
C GLU A 233 14.61 12.32 -9.10
N GLN B . 1.94 -3.95 -0.54
CA GLN B . 1.40 -4.73 0.63
C GLN B . 0.40 -5.80 0.14
O GLN B . 0.09 -6.60 1.02
CB GLN B . 0.82 -3.74 1.66
CG GLN B . -0.52 -3.13 1.22
CD GLN B . -1.21 -2.31 2.26
OE1 GLN B . -1.01 -2.56 3.44
NE2 GLN B . -2.09 -1.43 1.82
OXT GLN B . -0.03 -5.72 -1.01
#